data_9C55
#
_entry.id   9C55
#
_cell.length_a   83.392
_cell.length_b   223.052
_cell.length_c   36.585
_cell.angle_alpha   90.000
_cell.angle_beta   90.000
_cell.angle_gamma   90.000
#
_symmetry.space_group_name_H-M   'C 2 2 21'
#
loop_
_entity.id
_entity.type
_entity.pdbx_description
1 polymer 'Tyrosine-protein phosphatase non-receptor type 2'
2 non-polymer '5-(3-{[1-(BENZYLSULFONYL)PIPERIDIN-4-YL]AMINO}PHENYL)-4-BROMO-3-(CARBOXYMETHOXY)THIOPHENE-2-CARBOXYLIC ACID'
3 water water
#
_entity_poly.entity_id   1
_entity_poly.type   'polypeptide(L)'
_entity_poly.pdbx_seq_one_letter_code
;GMPTTIEREFEELDTQRRWQPLYLEIRNESHDYPHRVAKFPENRNRNRYRDVSPYDHSRVKLQNAENDYINASLVDIEEA
QRSYILTQGPLPNTCCHFWLMVWQQKTKAVVMLNRIVEKESVKCAQYWPTDDQEMLFKETGFSVKLLSEDVKSYYTVHLL
QLENINSGETRTISHFHYTTWPDFGVPESPASFLNFLFKVRESGSLNPDHGPAVIHCSAGIGRSGTFSLVDTCLVLMEKG
DDINIKQVLLNMRKYRMGLIQTPDQLRFSYMAIIEGAKCIKGDSSIQKRWKELSKEDLSPAFDHSPNKIMTEKYN
;
_entity_poly.pdbx_strand_id   A
#
# COMPACT_ATOMS: atom_id res chain seq x y z
N PRO A 3 -20.33 -7.04 -22.76
CA PRO A 3 -19.23 -7.43 -21.86
C PRO A 3 -17.88 -6.91 -22.32
N THR A 4 -17.06 -6.47 -21.37
CA THR A 4 -15.74 -5.94 -21.68
C THR A 4 -14.73 -7.07 -21.85
N THR A 5 -13.53 -6.70 -22.30
CA THR A 5 -12.46 -7.69 -22.45
C THR A 5 -11.95 -8.19 -21.10
N ILE A 6 -12.22 -7.45 -20.02
CA ILE A 6 -11.85 -7.94 -18.70
C ILE A 6 -12.92 -8.86 -18.15
N GLU A 7 -14.19 -8.57 -18.43
CA GLU A 7 -15.27 -9.42 -17.93
C GLU A 7 -15.32 -10.77 -18.64
N ARG A 8 -14.89 -10.83 -19.90
CA ARG A 8 -14.87 -12.10 -20.60
C ARG A 8 -13.73 -13.00 -20.09
N GLU A 9 -12.57 -12.41 -19.82
CA GLU A 9 -11.47 -13.17 -19.26
C GLU A 9 -11.78 -13.62 -17.85
N PHE A 10 -12.49 -12.80 -17.07
CA PHE A 10 -12.88 -13.18 -15.72
C PHE A 10 -13.77 -14.41 -15.72
N GLU A 11 -14.76 -14.45 -16.63
CA GLU A 11 -15.65 -15.59 -16.69
C GLU A 11 -14.92 -16.85 -17.12
N GLU A 12 -14.07 -16.74 -18.14
CA GLU A 12 -13.29 -17.90 -18.58
C GLU A 12 -12.38 -18.40 -17.48
N LEU A 13 -11.75 -17.48 -16.74
CA LEU A 13 -10.93 -17.90 -15.61
C LEU A 13 -11.75 -18.54 -14.51
N ASP A 14 -13.03 -18.16 -14.39
CA ASP A 14 -13.88 -18.70 -13.33
C ASP A 14 -14.43 -20.07 -13.69
N THR A 15 -15.04 -20.20 -14.87
CA THR A 15 -15.66 -21.46 -15.25
C THR A 15 -14.62 -22.55 -15.53
N GLN A 16 -13.42 -22.17 -15.93
CA GLN A 16 -12.36 -23.14 -16.20
C GLN A 16 -11.45 -23.37 -15.00
N ARG A 17 -11.67 -22.66 -13.89
CA ARG A 17 -10.87 -22.89 -12.66
C ARG A 17 -9.39 -22.65 -12.94
N ARG A 18 -9.05 -21.53 -13.59
CA ARG A 18 -7.67 -21.22 -13.95
C ARG A 18 -7.11 -20.05 -13.14
N TRP A 19 -7.56 -19.90 -11.90
CA TRP A 19 -7.08 -18.80 -11.07
C TRP A 19 -5.72 -19.10 -10.45
N GLN A 20 -5.51 -20.35 -10.01
CA GLN A 20 -4.23 -20.71 -9.42
C GLN A 20 -3.16 -20.90 -10.49
N PRO A 21 -3.43 -21.57 -11.62
CA PRO A 21 -2.41 -21.59 -12.68
C PRO A 21 -2.06 -20.22 -13.21
N LEU A 22 -3.02 -19.30 -13.28
CA LEU A 22 -2.72 -17.92 -13.67
C LEU A 22 -1.80 -17.27 -12.65
N TYR A 23 -2.05 -17.49 -11.36
CA TYR A 23 -1.17 -16.95 -10.33
C TYR A 23 0.20 -17.60 -10.39
N LEU A 24 0.26 -18.91 -10.65
CA LEU A 24 1.54 -19.58 -10.80
C LEU A 24 2.29 -19.08 -12.03
N GLU A 25 1.57 -18.72 -13.09
CA GLU A 25 2.21 -18.10 -14.25
C GLU A 25 2.84 -16.76 -13.88
N ILE A 26 2.13 -15.95 -13.11
CA ILE A 26 2.67 -14.66 -12.68
C ILE A 26 3.90 -14.87 -11.80
N ARG A 27 3.86 -15.90 -10.95
CA ARG A 27 5.00 -16.19 -10.08
C ARG A 27 6.22 -16.62 -10.89
N ASN A 28 6.00 -17.43 -11.93
CA ASN A 28 7.13 -17.90 -12.73
C ASN A 28 7.66 -16.84 -13.69
N GLU A 29 6.79 -15.98 -14.21
CA GLU A 29 7.19 -14.92 -15.12
C GLU A 29 7.71 -13.68 -14.41
N SER A 30 7.85 -13.73 -13.08
CA SER A 30 8.29 -12.58 -12.32
C SER A 30 9.79 -12.39 -12.45
N HIS A 31 10.21 -11.20 -12.86
CA HIS A 31 11.63 -10.91 -13.01
C HIS A 31 12.29 -10.74 -11.65
N ASP A 32 13.44 -11.38 -11.47
CA ASP A 32 14.22 -11.23 -10.25
C ASP A 32 15.27 -10.15 -10.43
N TYR A 33 15.43 -9.32 -9.40
CA TYR A 33 16.36 -8.20 -9.44
C TYR A 33 17.21 -8.19 -8.19
N PRO A 34 18.42 -7.63 -8.26
CA PRO A 34 19.30 -7.63 -7.09
C PRO A 34 18.72 -6.85 -5.93
N HIS A 35 18.80 -7.44 -4.73
CA HIS A 35 18.42 -6.78 -3.49
C HIS A 35 19.55 -6.97 -2.48
N ARG A 36 20.73 -6.46 -2.84
CA ARG A 36 21.92 -6.69 -2.03
C ARG A 36 21.91 -5.82 -0.77
N VAL A 37 21.47 -4.57 -0.89
CA VAL A 37 21.48 -3.66 0.25
C VAL A 37 20.60 -4.21 1.38
N ALA A 38 19.48 -4.85 1.02
CA ALA A 38 18.60 -5.41 2.03
C ALA A 38 19.25 -6.56 2.78
N LYS A 39 20.26 -7.21 2.20
CA LYS A 39 20.92 -8.36 2.81
C LYS A 39 22.22 -7.99 3.51
N PHE A 40 22.53 -6.70 3.64
CA PHE A 40 23.69 -6.29 4.41
C PHE A 40 23.52 -6.69 5.87
N PRO A 41 24.61 -7.02 6.56
CA PRO A 41 24.50 -7.37 7.98
C PRO A 41 23.96 -6.24 8.84
N GLU A 42 24.28 -4.98 8.51
CA GLU A 42 23.79 -3.86 9.31
C GLU A 42 22.30 -3.62 9.15
N ASN A 43 21.68 -4.17 8.11
CA ASN A 43 20.27 -3.97 7.83
C ASN A 43 19.40 -5.13 8.31
N ARG A 44 19.92 -6.00 9.15
CA ARG A 44 19.12 -7.17 9.58
C ARG A 44 17.96 -6.72 10.48
N ASN A 45 18.20 -5.79 11.41
CA ASN A 45 17.15 -5.33 12.29
C ASN A 45 16.21 -4.33 11.64
N ARG A 46 16.36 -4.07 10.34
CA ARG A 46 15.48 -3.17 9.61
C ARG A 46 14.52 -3.90 8.68
N ASN A 47 14.60 -5.23 8.62
CA ASN A 47 13.73 -6.04 7.78
C ASN A 47 12.79 -6.85 8.66
N ARG A 48 11.49 -6.73 8.41
CA ARG A 48 10.52 -7.50 9.18
C ARG A 48 10.58 -8.99 8.80
N TYR A 49 10.72 -9.28 7.52
CA TYR A 49 10.76 -10.65 7.04
C TYR A 49 12.00 -10.85 6.17
N ARG A 50 12.62 -12.03 6.30
CA ARG A 50 13.83 -12.32 5.56
C ARG A 50 13.55 -12.45 4.07
N ASP A 51 12.40 -13.02 3.71
CA ASP A 51 12.08 -13.33 2.33
C ASP A 51 11.34 -12.20 1.62
N VAL A 52 11.24 -11.03 2.22
CA VAL A 52 10.58 -9.87 1.61
C VAL A 52 11.57 -8.72 1.65
N SER A 53 12.18 -8.40 0.51
CA SER A 53 13.20 -7.38 0.43
C SER A 53 12.92 -6.45 -0.74
N PRO A 54 13.29 -5.17 -0.60
CA PRO A 54 13.15 -4.24 -1.73
C PRO A 54 14.31 -4.38 -2.70
N TYR A 55 13.99 -4.26 -4.00
CA TYR A 55 15.02 -4.32 -5.01
C TYR A 55 15.93 -3.10 -4.92
N ASP A 56 17.20 -3.29 -5.26
CA ASP A 56 18.17 -2.21 -5.16
C ASP A 56 17.82 -1.05 -6.09
N HIS A 57 17.36 -1.36 -7.30
CA HIS A 57 17.11 -0.32 -8.29
C HIS A 57 15.91 0.54 -7.95
N SER A 58 14.98 0.06 -7.12
CA SER A 58 13.74 0.77 -6.85
C SER A 58 13.52 1.05 -5.35
N ARG A 59 14.49 0.74 -4.50
CA ARG A 59 14.32 0.98 -3.08
C ARG A 59 14.32 2.48 -2.78
N VAL A 60 13.63 2.86 -1.71
CA VAL A 60 13.58 4.24 -1.27
C VAL A 60 14.75 4.48 -0.32
N LYS A 61 15.51 5.54 -0.57
CA LYS A 61 16.70 5.84 0.22
C LYS A 61 16.41 6.94 1.22
N LEU A 62 16.92 6.78 2.45
CA LEU A 62 16.82 7.81 3.47
C LEU A 62 17.98 8.78 3.27
N GLN A 63 17.66 9.98 2.76
CA GLN A 63 18.71 10.92 2.39
C GLN A 63 19.41 11.48 3.63
N ASN A 64 20.74 11.55 3.54
CA ASN A 64 21.62 12.16 4.54
C ASN A 64 21.68 11.40 5.85
N ALA A 65 21.06 10.22 5.93
CA ALA A 65 21.20 9.40 7.13
C ALA A 65 22.47 8.56 7.04
N GLU A 66 22.96 8.14 8.21
CA GLU A 66 24.14 7.27 8.25
C GLU A 66 23.87 5.97 7.49
N ASN A 67 22.74 5.34 7.75
CA ASN A 67 22.27 4.18 7.00
C ASN A 67 21.00 4.58 6.27
N ASP A 68 21.06 4.60 4.95
CA ASP A 68 19.95 5.07 4.13
C ASP A 68 18.94 3.98 3.79
N TYR A 69 19.05 2.81 4.42
CA TYR A 69 18.21 1.67 4.05
C TYR A 69 16.89 1.70 4.79
N ILE A 70 15.82 1.40 4.05
CA ILE A 70 14.50 1.12 4.61
C ILE A 70 13.81 0.15 3.67
N ASN A 71 13.06 -0.79 4.24
CA ASN A 71 12.34 -1.78 3.43
C ASN A 71 11.13 -1.07 2.80
N ALA A 72 11.41 -0.34 1.72
CA ALA A 72 10.39 0.40 1.00
C ALA A 72 10.79 0.48 -0.47
N SER A 73 9.82 0.27 -1.36
CA SER A 73 10.05 0.28 -2.79
C SER A 73 9.16 1.32 -3.46
N LEU A 74 9.75 2.08 -4.37
CA LEU A 74 9.00 3.05 -5.17
C LEU A 74 8.47 2.34 -6.41
N VAL A 75 7.15 2.21 -6.50
CA VAL A 75 6.50 1.59 -7.64
C VAL A 75 6.06 2.69 -8.58
N ASP A 76 6.68 2.74 -9.76
CA ASP A 76 6.41 3.78 -10.74
C ASP A 76 5.62 3.20 -11.90
N ILE A 77 4.51 3.85 -12.24
CA ILE A 77 3.68 3.48 -13.39
C ILE A 77 3.57 4.74 -14.24
N GLU A 78 4.48 4.89 -15.22
CA GLU A 78 4.56 6.12 -15.99
C GLU A 78 3.32 6.32 -16.86
N GLU A 79 2.77 5.24 -17.42
CA GLU A 79 1.59 5.36 -18.27
C GLU A 79 0.36 5.80 -17.50
N ALA A 80 0.39 5.69 -16.18
CA ALA A 80 -0.74 6.09 -15.34
C ALA A 80 -0.52 7.40 -14.62
N GLN A 81 0.67 8.00 -14.73
CA GLN A 81 1.05 9.19 -13.96
C GLN A 81 0.83 8.95 -12.47
N ARG A 82 1.15 7.74 -12.03
CA ARG A 82 0.94 7.39 -10.61
C ARG A 82 2.18 6.70 -10.05
N SER A 83 2.45 6.92 -8.78
CA SER A 83 3.60 6.36 -8.08
C SER A 83 3.21 6.07 -6.64
N TYR A 84 3.53 4.87 -6.16
CA TYR A 84 3.31 4.48 -4.78
C TYR A 84 4.61 4.06 -4.13
N ILE A 85 4.67 4.21 -2.82
CA ILE A 85 5.76 3.65 -2.01
C ILE A 85 5.15 2.50 -1.21
N LEU A 86 5.54 1.28 -1.56
CA LEU A 86 5.08 0.08 -0.86
C LEU A 86 6.16 -0.31 0.14
N THR A 87 5.79 -0.35 1.42
CA THR A 87 6.75 -0.63 2.48
C THR A 87 6.13 -1.62 3.46
N GLN A 88 6.98 -2.19 4.29
CA GLN A 88 6.55 -3.11 5.33
C GLN A 88 5.97 -2.33 6.51
N GLY A 89 5.29 -3.06 7.40
CA GLY A 89 4.88 -2.51 8.66
C GLY A 89 6.10 -2.15 9.49
N PRO A 90 6.23 -0.87 9.85
CA PRO A 90 7.44 -0.42 10.54
C PRO A 90 7.72 -1.22 11.80
N LEU A 91 8.99 -1.48 12.04
CA LEU A 91 9.45 -2.06 13.31
C LEU A 91 9.62 -0.96 14.34
N PRO A 92 9.67 -1.32 15.63
CA PRO A 92 9.88 -0.29 16.67
C PRO A 92 11.10 0.58 16.43
N ASN A 93 12.16 0.03 15.84
CA ASN A 93 13.39 0.78 15.59
C ASN A 93 13.43 1.43 14.22
N THR A 94 12.44 1.19 13.37
CA THR A 94 12.38 1.83 12.06
C THR A 94 11.19 2.78 11.91
N CYS A 95 10.45 3.02 12.98
CA CYS A 95 9.38 4.01 12.92
C CYS A 95 9.95 5.39 12.60
N CYS A 96 11.13 5.71 13.14
CA CYS A 96 11.76 6.99 12.84
C CYS A 96 12.15 7.08 11.36
N HIS A 97 12.59 5.97 10.78
CA HIS A 97 12.91 5.96 9.35
C HIS A 97 11.64 6.07 8.51
N PHE A 98 10.53 5.50 8.99
CA PHE A 98 9.26 5.58 8.26
C PHE A 98 8.82 7.02 8.10
N TRP A 99 8.91 7.81 9.17
CA TRP A 99 8.44 9.19 9.10
C TRP A 99 9.44 10.10 8.42
N LEU A 100 10.74 9.81 8.53
CA LEU A 100 11.73 10.53 7.74
C LEU A 100 11.47 10.33 6.26
N MET A 101 11.12 9.11 5.85
CA MET A 101 10.78 8.84 4.46
C MET A 101 9.54 9.61 4.03
N VAL A 102 8.50 9.62 4.88
CA VAL A 102 7.27 10.33 4.54
C VAL A 102 7.54 11.81 4.35
N TRP A 103 8.43 12.38 5.18
CA TRP A 103 8.75 13.79 5.06
C TRP A 103 9.59 14.06 3.80
N GLN A 104 10.61 13.25 3.57
CA GLN A 104 11.52 13.50 2.45
C GLN A 104 10.82 13.31 1.11
N GLN A 105 9.93 12.33 1.01
CA GLN A 105 9.22 12.06 -0.23
C GLN A 105 7.98 12.94 -0.41
N LYS A 106 7.74 13.88 0.50
CA LYS A 106 6.58 14.78 0.43
C LYS A 106 5.27 14.00 0.37
N THR A 107 5.23 12.87 1.09
CA THR A 107 4.06 12.01 1.09
C THR A 107 2.91 12.67 1.84
N LYS A 108 1.70 12.55 1.28
CA LYS A 108 0.51 13.15 1.87
C LYS A 108 -0.39 12.13 2.57
N ALA A 109 -0.46 10.90 2.05
CA ALA A 109 -1.36 9.89 2.59
C ALA A 109 -0.58 8.64 2.98
N VAL A 110 -1.01 8.01 4.07
CA VAL A 110 -0.52 6.70 4.48
C VAL A 110 -1.72 5.76 4.49
N VAL A 111 -1.65 4.71 3.68
CA VAL A 111 -2.71 3.71 3.60
C VAL A 111 -2.25 2.47 4.36
N MET A 112 -2.99 2.11 5.40
CA MET A 112 -2.69 0.95 6.23
C MET A 112 -3.79 -0.08 6.05
N LEU A 113 -3.42 -1.27 5.60
CA LEU A 113 -4.36 -2.34 5.29
C LEU A 113 -4.31 -3.48 6.29
N ASN A 114 -3.57 -3.33 7.39
CA ASN A 114 -3.41 -4.39 8.36
C ASN A 114 -3.74 -3.88 9.76
N ARG A 115 -4.00 -4.82 10.66
CA ARG A 115 -4.13 -4.51 12.07
C ARG A 115 -2.76 -4.57 12.74
N ILE A 116 -2.62 -3.85 13.86
CA ILE A 116 -1.39 -3.90 14.63
C ILE A 116 -1.13 -5.32 15.11
N VAL A 117 -2.19 -6.02 15.53
CA VAL A 117 -2.10 -7.39 16.00
C VAL A 117 -3.00 -8.24 15.11
N GLU A 118 -2.44 -9.31 14.55
CA GLU A 118 -3.20 -10.23 13.71
C GLU A 118 -2.78 -11.65 14.04
N LYS A 119 -3.75 -12.45 14.52
CA LYS A 119 -3.56 -13.88 14.77
C LYS A 119 -2.35 -14.14 15.67
N GLU A 120 -2.41 -13.55 16.88
CA GLU A 120 -1.42 -13.73 17.93
C GLU A 120 -0.02 -13.25 17.51
N SER A 121 0.06 -12.31 16.57
CA SER A 121 1.34 -11.80 16.12
C SER A 121 1.24 -10.32 15.85
N VAL A 122 2.29 -9.58 16.23
CA VAL A 122 2.36 -8.15 15.93
C VAL A 122 2.86 -7.99 14.50
N LYS A 123 2.05 -7.36 13.66
CA LYS A 123 2.37 -7.17 12.25
C LYS A 123 2.97 -5.79 11.96
N CYS A 124 2.89 -4.86 12.90
CA CYS A 124 3.34 -3.50 12.69
C CYS A 124 3.41 -2.79 14.04
N ALA A 125 4.42 -1.94 14.20
CA ALA A 125 4.57 -1.18 15.42
C ALA A 125 3.59 -0.03 15.45
N GLN A 126 3.19 0.37 16.66
CA GLN A 126 2.31 1.52 16.82
C GLN A 126 3.07 2.80 16.50
N TYR A 127 3.09 3.20 15.23
CA TYR A 127 3.92 4.31 14.79
C TYR A 127 3.19 5.66 14.80
N TRP A 128 1.93 5.69 15.22
CA TRP A 128 1.20 6.93 15.38
C TRP A 128 0.47 6.91 16.72
N PRO A 129 0.33 8.07 17.37
CA PRO A 129 -0.33 8.10 18.68
C PRO A 129 -1.83 7.86 18.58
N THR A 130 -2.36 7.21 19.61
CA THR A 130 -3.79 6.96 19.71
C THR A 130 -4.53 7.98 20.56
N ASP A 131 -3.81 8.74 21.38
CA ASP A 131 -4.43 9.79 22.18
C ASP A 131 -3.82 11.15 21.86
N ASP A 132 -3.85 12.07 22.81
CA ASP A 132 -3.31 13.41 22.62
C ASP A 132 -1.85 13.52 23.02
N GLN A 133 -1.18 12.40 23.30
CA GLN A 133 0.22 12.42 23.68
C GLN A 133 1.10 12.47 22.43
N GLU A 134 2.16 13.26 22.50
CA GLU A 134 3.08 13.37 21.38
C GLU A 134 3.95 12.13 21.28
N MET A 135 4.13 11.63 20.06
CA MET A 135 5.03 10.52 19.76
C MET A 135 6.35 11.09 19.22
N LEU A 136 7.41 10.95 20.00
CA LEU A 136 8.71 11.49 19.64
C LEU A 136 9.54 10.45 18.88
N PHE A 137 10.20 10.91 17.83
CA PHE A 137 11.14 10.08 17.04
C PHE A 137 12.44 10.87 16.96
N LYS A 138 13.27 10.74 17.99
CA LYS A 138 14.46 11.59 18.14
C LYS A 138 15.59 11.21 17.19
N GLU A 139 15.63 9.96 16.72
CA GLU A 139 16.71 9.55 15.82
C GLU A 139 16.68 10.35 14.53
N THR A 140 15.48 10.63 14.00
CA THR A 140 15.33 11.39 12.78
C THR A 140 14.81 12.81 13.03
N GLY A 141 14.49 13.14 14.27
CA GLY A 141 14.03 14.48 14.61
C GLY A 141 12.63 14.77 14.11
N PHE A 142 11.67 13.92 14.47
CA PHE A 142 10.29 14.08 14.04
C PHE A 142 9.35 13.78 15.20
N SER A 143 8.16 14.38 15.14
CA SER A 143 7.11 14.12 16.12
C SER A 143 5.78 14.00 15.39
N VAL A 144 4.90 13.17 15.94
CA VAL A 144 3.60 12.90 15.34
C VAL A 144 2.53 13.13 16.39
N LYS A 145 1.50 13.90 16.02
CA LYS A 145 0.35 14.16 16.89
C LYS A 145 -0.92 13.73 16.19
N LEU A 146 -1.87 13.24 16.98
CA LEU A 146 -3.18 12.85 16.46
C LEU A 146 -4.09 14.07 16.52
N LEU A 147 -4.45 14.60 15.35
CA LEU A 147 -5.29 15.79 15.29
C LEU A 147 -6.78 15.45 15.27
N SER A 148 -7.15 14.41 14.52
CA SER A 148 -8.55 14.01 14.41
C SER A 148 -8.59 12.59 13.90
N GLU A 149 -9.69 11.90 14.20
CA GLU A 149 -9.89 10.55 13.72
C GLU A 149 -11.37 10.35 13.41
N ASP A 150 -11.64 9.62 12.34
CA ASP A 150 -13.00 9.40 11.83
C ASP A 150 -13.22 7.89 11.75
N VAL A 151 -13.93 7.34 12.72
CA VAL A 151 -14.11 5.90 12.84
C VAL A 151 -15.35 5.50 12.05
N LYS A 152 -15.15 4.77 10.95
CA LYS A 152 -16.24 4.14 10.24
C LYS A 152 -16.39 2.70 10.75
N SER A 153 -17.22 1.90 10.08
CA SER A 153 -17.47 0.54 10.56
C SER A 153 -16.28 -0.37 10.31
N TYR A 154 -15.68 -0.29 9.12
CA TYR A 154 -14.60 -1.20 8.74
C TYR A 154 -13.29 -0.49 8.44
N TYR A 155 -13.21 0.82 8.68
CA TYR A 155 -11.96 1.55 8.49
C TYR A 155 -12.01 2.84 9.30
N THR A 156 -10.83 3.40 9.54
CA THR A 156 -10.69 4.62 10.30
C THR A 156 -9.71 5.55 9.61
N VAL A 157 -10.04 6.84 9.58
CA VAL A 157 -9.18 7.87 8.99
C VAL A 157 -8.65 8.74 10.11
N HIS A 158 -7.32 8.75 10.28
CA HIS A 158 -6.67 9.61 11.26
C HIS A 158 -6.06 10.82 10.57
N LEU A 159 -6.25 11.99 11.18
CA LEU A 159 -5.57 13.21 10.75
C LEU A 159 -4.35 13.40 11.66
N LEU A 160 -3.17 13.29 11.07
CA LEU A 160 -1.92 13.31 11.82
C LEU A 160 -1.12 14.57 11.46
N GLN A 161 -0.49 15.16 12.46
CA GLN A 161 0.43 16.27 12.26
C GLN A 161 1.85 15.73 12.35
N LEU A 162 2.55 15.72 11.22
CA LEU A 162 3.95 15.34 11.18
C LEU A 162 4.80 16.61 11.29
N GLU A 163 5.58 16.70 12.36
CA GLU A 163 6.35 17.90 12.67
C GLU A 163 7.84 17.61 12.57
N ASN A 164 8.56 18.46 11.85
CA ASN A 164 10.02 18.48 11.89
C ASN A 164 10.42 19.26 13.13
N ILE A 165 10.82 18.53 14.19
CA ILE A 165 11.10 19.17 15.47
C ILE A 165 12.31 20.09 15.41
N ASN A 166 13.13 19.97 14.36
CA ASN A 166 14.31 20.81 14.23
C ASN A 166 13.99 22.13 13.54
N SER A 167 13.27 22.08 12.42
CA SER A 167 12.91 23.28 11.67
C SER A 167 11.55 23.83 12.06
N GLY A 168 10.80 23.13 12.92
CA GLY A 168 9.48 23.57 13.31
C GLY A 168 8.40 23.41 12.27
N GLU A 169 8.75 23.06 11.03
CA GLU A 169 7.76 22.89 9.98
C GLU A 169 6.88 21.69 10.27
N THR A 170 5.58 21.86 10.03
CA THR A 170 4.60 20.80 10.24
C THR A 170 3.87 20.49 8.93
N ARG A 171 3.35 19.27 8.84
N ARG A 171 3.35 19.27 8.84
CA ARG A 171 2.61 18.84 7.67
CA ARG A 171 2.62 18.83 7.67
C ARG A 171 1.51 17.89 8.11
C ARG A 171 1.52 17.87 8.09
N THR A 172 0.33 18.05 7.51
CA THR A 172 -0.81 17.19 7.83
C THR A 172 -0.74 15.92 6.98
N ILE A 173 -0.98 14.78 7.62
CA ILE A 173 -0.93 13.48 6.97
C ILE A 173 -2.29 12.81 7.13
N SER A 174 -2.82 12.27 6.03
CA SER A 174 -4.07 11.52 6.05
C SER A 174 -3.75 10.03 6.18
N HIS A 175 -4.14 9.43 7.30
CA HIS A 175 -3.86 8.04 7.61
C HIS A 175 -5.15 7.24 7.44
N PHE A 176 -5.22 6.48 6.35
CA PHE A 176 -6.36 5.62 6.07
C PHE A 176 -6.04 4.20 6.56
N HIS A 177 -6.79 3.73 7.54
CA HIS A 177 -6.53 2.46 8.20
C HIS A 177 -7.66 1.48 7.90
N TYR A 178 -7.40 0.54 6.99
CA TYR A 178 -8.32 -0.55 6.70
C TYR A 178 -8.14 -1.63 7.76
N THR A 179 -9.12 -1.78 8.65
CA THR A 179 -8.97 -2.62 9.83
C THR A 179 -9.67 -3.97 9.72
N THR A 180 -10.31 -4.26 8.58
CA THR A 180 -11.04 -5.51 8.41
C THR A 180 -10.55 -6.28 7.18
N TRP A 181 -9.28 -6.11 6.81
CA TRP A 181 -8.70 -6.88 5.73
C TRP A 181 -7.80 -7.96 6.32
N PRO A 182 -8.22 -9.23 6.33
CA PRO A 182 -7.42 -10.26 6.99
C PRO A 182 -6.13 -10.55 6.24
N ASP A 183 -5.11 -10.93 7.01
CA ASP A 183 -3.84 -11.34 6.41
C ASP A 183 -4.04 -12.55 5.51
N PHE A 184 -3.39 -12.50 4.34
CA PHE A 184 -3.55 -13.52 3.30
C PHE A 184 -4.99 -13.68 2.85
N GLY A 185 -5.81 -12.64 3.02
CA GLY A 185 -7.22 -12.71 2.68
C GLY A 185 -7.69 -11.59 1.79
N VAL A 186 -9.01 -11.43 1.67
CA VAL A 186 -9.60 -10.45 0.78
C VAL A 186 -10.59 -9.60 1.58
N PRO A 187 -10.89 -8.39 1.10
CA PRO A 187 -11.91 -7.58 1.76
C PRO A 187 -13.28 -8.25 1.71
N GLU A 188 -14.23 -7.66 2.44
CA GLU A 188 -15.56 -8.26 2.56
C GLU A 188 -16.25 -8.34 1.21
N SER A 189 -16.11 -7.30 0.38
CA SER A 189 -16.74 -7.27 -0.93
C SER A 189 -16.00 -6.24 -1.78
N PRO A 190 -16.17 -6.30 -3.11
CA PRO A 190 -15.60 -5.22 -3.94
C PRO A 190 -16.15 -3.84 -3.58
N ALA A 191 -17.38 -3.76 -3.09
CA ALA A 191 -17.96 -2.47 -2.75
C ALA A 191 -17.25 -1.85 -1.55
N SER A 192 -16.96 -2.64 -0.53
CA SER A 192 -16.28 -2.10 0.66
C SER A 192 -14.86 -1.65 0.33
N PHE A 193 -14.18 -2.37 -0.57
CA PHE A 193 -12.84 -1.99 -0.95
C PHE A 193 -12.86 -0.71 -1.80
N LEU A 194 -13.74 -0.67 -2.80
CA LEU A 194 -13.80 0.49 -3.69
C LEU A 194 -14.25 1.74 -2.95
N ASN A 195 -15.15 1.58 -1.96
CA ASN A 195 -15.53 2.73 -1.13
C ASN A 195 -14.34 3.24 -0.33
N PHE A 196 -13.44 2.34 0.08
CA PHE A 196 -12.23 2.76 0.76
C PHE A 196 -11.24 3.39 -0.20
N LEU A 197 -11.06 2.78 -1.38
CA LEU A 197 -10.12 3.31 -2.36
C LEU A 197 -10.53 4.68 -2.85
N PHE A 198 -11.82 4.89 -3.09
CA PHE A 198 -12.30 6.18 -3.56
C PHE A 198 -12.35 7.23 -2.47
N LYS A 199 -12.48 6.81 -1.20
CA LYS A 199 -12.29 7.74 -0.10
C LYS A 199 -10.85 8.26 -0.06
N VAL A 200 -9.89 7.40 -0.43
CA VAL A 200 -8.50 7.85 -0.55
C VAL A 200 -8.34 8.77 -1.75
N ARG A 201 -9.01 8.45 -2.86
CA ARG A 201 -8.92 9.29 -4.05
C ARG A 201 -9.60 10.63 -3.83
N GLU A 202 -10.78 10.63 -3.21
CA GLU A 202 -11.53 11.87 -2.99
C GLU A 202 -10.83 12.83 -2.03
N SER A 203 -9.83 12.36 -1.28
CA SER A 203 -9.08 13.23 -0.38
C SER A 203 -8.01 14.04 -1.10
N GLY A 204 -7.80 13.81 -2.39
CA GLY A 204 -6.78 14.51 -3.14
C GLY A 204 -5.36 14.16 -2.78
N SER A 205 -5.16 13.16 -1.94
CA SER A 205 -3.82 12.78 -1.48
C SER A 205 -3.09 11.89 -2.48
N LEU A 206 -3.73 11.48 -3.57
CA LEU A 206 -3.07 10.77 -4.65
C LEU A 206 -2.82 11.67 -5.86
N ASN A 207 -3.10 12.96 -5.73
CA ASN A 207 -2.99 13.90 -6.83
C ASN A 207 -1.52 14.28 -7.07
N PRO A 208 -1.19 14.78 -8.27
CA PRO A 208 0.20 15.11 -8.58
C PRO A 208 0.77 16.25 -7.75
N ASP A 209 -0.05 16.97 -6.97
CA ASP A 209 0.48 18.03 -6.12
C ASP A 209 1.07 17.49 -4.81
N HIS A 210 1.23 16.17 -4.69
CA HIS A 210 1.79 15.54 -3.52
C HIS A 210 2.80 14.49 -3.94
N GLY A 211 3.62 14.07 -2.98
CA GLY A 211 4.52 12.97 -3.19
C GLY A 211 3.76 11.65 -3.25
N PRO A 212 4.50 10.57 -3.52
CA PRO A 212 3.85 9.26 -3.61
C PRO A 212 3.30 8.81 -2.27
N ALA A 213 2.08 8.30 -2.29
CA ALA A 213 1.47 7.78 -1.08
C ALA A 213 2.18 6.52 -0.61
N VAL A 214 2.18 6.31 0.70
CA VAL A 214 2.82 5.17 1.32
C VAL A 214 1.75 4.12 1.57
N ILE A 215 1.80 3.02 0.81
CA ILE A 215 0.92 1.88 1.00
C ILE A 215 1.67 0.81 1.77
N HIS A 216 1.09 0.35 2.88
CA HIS A 216 1.77 -0.65 3.68
C HIS A 216 0.75 -1.54 4.39
N CYS A 217 1.09 -2.82 4.49
CA CYS A 217 0.39 -3.76 5.36
C CYS A 217 1.41 -4.32 6.34
N SER A 218 1.56 -5.65 6.37
N SER A 218 1.55 -5.65 6.38
CA SER A 218 2.57 -6.28 7.22
CA SER A 218 2.56 -6.31 7.21
C SER A 218 3.90 -6.43 6.46
C SER A 218 3.89 -6.44 6.47
N ALA A 219 3.87 -7.14 5.33
CA ALA A 219 5.06 -7.26 4.51
C ALA A 219 5.13 -6.21 3.41
N GLY A 220 4.00 -5.63 3.02
CA GLY A 220 3.98 -4.61 2.00
C GLY A 220 3.94 -5.13 0.58
N ILE A 221 3.51 -6.36 0.37
CA ILE A 221 3.45 -6.94 -0.98
C ILE A 221 2.11 -7.63 -1.18
N GLY A 222 1.53 -8.17 -0.12
CA GLY A 222 0.29 -8.92 -0.24
C GLY A 222 -0.92 -8.05 -0.43
N ARG A 223 -1.49 -7.58 0.69
CA ARG A 223 -2.65 -6.67 0.62
C ARG A 223 -2.28 -5.36 -0.03
N SER A 224 -1.04 -4.88 0.17
CA SER A 224 -0.61 -3.63 -0.45
C SER A 224 -0.53 -3.77 -1.97
N GLY A 225 -0.16 -4.95 -2.46
CA GLY A 225 -0.14 -5.17 -3.90
C GLY A 225 -1.54 -5.22 -4.48
N THR A 226 -2.49 -5.80 -3.74
CA THR A 226 -3.87 -5.83 -4.20
C THR A 226 -4.45 -4.42 -4.27
N PHE A 227 -4.15 -3.58 -3.28
CA PHE A 227 -4.61 -2.20 -3.32
C PHE A 227 -3.97 -1.44 -4.47
N SER A 228 -2.68 -1.68 -4.73
CA SER A 228 -1.97 -0.91 -5.73
C SER A 228 -2.37 -1.33 -7.15
N LEU A 229 -2.59 -2.63 -7.36
CA LEU A 229 -2.93 -3.10 -8.70
C LEU A 229 -4.30 -2.58 -9.13
N VAL A 230 -5.27 -2.56 -8.21
CA VAL A 230 -6.61 -2.09 -8.57
C VAL A 230 -6.60 -0.61 -8.90
N ASP A 231 -5.98 0.20 -8.03
CA ASP A 231 -5.95 1.65 -8.26
C ASP A 231 -5.21 2.00 -9.53
N THR A 232 -4.11 1.30 -9.82
CA THR A 232 -3.36 1.56 -11.04
C THR A 232 -4.20 1.21 -12.27
N CYS A 233 -4.85 0.04 -12.25
CA CYS A 233 -5.66 -0.38 -13.38
C CYS A 233 -6.84 0.55 -13.60
N LEU A 234 -7.48 1.01 -12.51
CA LEU A 234 -8.59 1.94 -12.65
C LEU A 234 -8.14 3.27 -13.24
N VAL A 235 -6.89 3.66 -13.01
CA VAL A 235 -6.38 4.90 -13.59
C VAL A 235 -6.03 4.69 -15.06
N LEU A 236 -5.46 3.54 -15.39
CA LEU A 236 -5.11 3.25 -16.78
C LEU A 236 -6.35 3.14 -17.65
N MET A 237 -7.40 2.49 -17.15
CA MET A 237 -8.61 2.32 -17.94
C MET A 237 -9.32 3.64 -18.18
N GLU A 238 -9.19 4.59 -17.25
CA GLU A 238 -9.75 5.93 -17.47
C GLU A 238 -9.10 6.63 -18.65
N LYS A 239 -7.84 6.29 -18.93
CA LYS A 239 -7.13 6.90 -20.08
C LYS A 239 -7.74 6.38 -21.38
N GLY A 240 -8.44 5.24 -21.36
CA GLY A 240 -8.95 4.62 -22.55
C GLY A 240 -8.18 3.41 -23.04
N ASP A 241 -7.34 2.81 -22.20
CA ASP A 241 -6.51 1.68 -22.59
C ASP A 241 -7.20 0.37 -22.25
N ASP A 242 -7.15 -0.58 -23.19
CA ASP A 242 -7.58 -1.95 -22.93
C ASP A 242 -6.44 -2.67 -22.24
N ILE A 243 -6.49 -2.72 -20.91
CA ILE A 243 -5.35 -3.16 -20.12
C ILE A 243 -5.31 -4.67 -20.03
N ASN A 244 -4.11 -5.20 -19.83
CA ASN A 244 -3.88 -6.61 -19.52
C ASN A 244 -3.47 -6.67 -18.06
N ILE A 245 -4.41 -7.08 -17.19
CA ILE A 245 -4.18 -7.04 -15.76
C ILE A 245 -2.97 -7.87 -15.37
N LYS A 246 -2.76 -8.99 -16.07
CA LYS A 246 -1.59 -9.82 -15.79
C LYS A 246 -0.29 -9.08 -16.09
N GLN A 247 -0.24 -8.33 -17.19
CA GLN A 247 0.97 -7.62 -17.55
C GLN A 247 1.20 -6.39 -16.68
N VAL A 248 0.13 -5.72 -16.26
CA VAL A 248 0.28 -4.58 -15.37
C VAL A 248 0.85 -5.03 -14.02
N LEU A 249 0.42 -6.21 -13.56
CA LEU A 249 0.94 -6.72 -12.30
C LEU A 249 2.39 -7.16 -12.43
N LEU A 250 2.74 -7.84 -13.52
CA LEU A 250 4.12 -8.26 -13.72
C LEU A 250 5.05 -7.05 -13.88
N ASN A 251 4.53 -5.95 -14.45
CA ASN A 251 5.33 -4.74 -14.54
C ASN A 251 5.51 -4.09 -13.17
N MET A 252 4.46 -4.11 -12.35
CA MET A 252 4.58 -3.61 -10.98
C MET A 252 5.50 -4.47 -10.14
N ARG A 253 5.52 -5.79 -10.40
CA ARG A 253 6.37 -6.69 -9.64
C ARG A 253 7.85 -6.50 -9.94
N LYS A 254 8.20 -5.76 -10.99
CA LYS A 254 9.59 -5.41 -11.21
C LYS A 254 10.09 -4.36 -10.25
N TYR A 255 9.19 -3.63 -9.60
CA TYR A 255 9.57 -2.63 -8.59
C TYR A 255 9.61 -3.20 -7.19
N ARG A 256 8.68 -4.10 -6.86
CA ARG A 256 8.67 -4.78 -5.57
C ARG A 256 8.23 -6.21 -5.77
N MET A 257 8.93 -7.15 -5.15
CA MET A 257 8.70 -8.57 -5.37
C MET A 257 7.38 -9.02 -4.73
N GLY A 258 6.77 -10.03 -5.34
CA GLY A 258 5.66 -10.73 -4.75
C GLY A 258 4.40 -9.94 -4.50
N LEU A 259 4.13 -8.92 -5.32
CA LEU A 259 2.88 -8.18 -5.19
C LEU A 259 1.70 -9.11 -5.46
N ILE A 260 0.71 -9.08 -4.55
CA ILE A 260 -0.39 -10.03 -4.49
C ILE A 260 0.15 -11.42 -4.14
N GLN A 261 -0.31 -11.97 -3.02
CA GLN A 261 0.26 -13.18 -2.45
C GLN A 261 -0.58 -14.43 -2.68
N THR A 262 -1.90 -14.30 -2.80
CA THR A 262 -2.75 -15.48 -2.99
C THR A 262 -3.50 -15.39 -4.31
N PRO A 263 -3.89 -16.54 -4.88
CA PRO A 263 -4.76 -16.49 -6.06
C PRO A 263 -6.10 -15.84 -5.80
N ASP A 264 -6.62 -15.95 -4.57
CA ASP A 264 -7.87 -15.29 -4.24
C ASP A 264 -7.71 -13.78 -4.18
N GLN A 265 -6.54 -13.30 -3.76
CA GLN A 265 -6.27 -11.87 -3.82
C GLN A 265 -6.20 -11.39 -5.27
N LEU A 266 -5.64 -12.22 -6.16
CA LEU A 266 -5.63 -11.88 -7.58
C LEU A 266 -7.03 -11.88 -8.15
N ARG A 267 -7.85 -12.88 -7.77
CA ARG A 267 -9.23 -12.91 -8.26
C ARG A 267 -10.02 -11.72 -7.75
N PHE A 268 -9.81 -11.33 -6.49
CA PHE A 268 -10.50 -10.15 -5.96
C PHE A 268 -10.08 -8.89 -6.70
N SER A 269 -8.82 -8.82 -7.14
N SER A 269 -8.82 -8.82 -7.14
CA SER A 269 -8.38 -7.67 -7.92
CA SER A 269 -8.38 -7.67 -7.92
C SER A 269 -9.16 -7.55 -9.22
C SER A 269 -9.16 -7.55 -9.22
N TYR A 270 -9.44 -8.69 -9.86
CA TYR A 270 -10.26 -8.67 -11.07
C TYR A 270 -11.68 -8.20 -10.77
N MET A 271 -12.23 -8.64 -9.64
CA MET A 271 -13.60 -8.25 -9.28
C MET A 271 -13.68 -6.76 -8.97
N ALA A 272 -12.71 -6.24 -8.20
CA ALA A 272 -12.72 -4.82 -7.85
C ALA A 272 -12.46 -3.94 -9.06
N ILE A 273 -11.63 -4.40 -9.99
CA ILE A 273 -11.39 -3.62 -11.21
C ILE A 273 -12.63 -3.61 -12.09
N ILE A 274 -13.31 -4.75 -12.22
CA ILE A 274 -14.52 -4.82 -13.02
C ILE A 274 -15.62 -3.96 -12.41
N GLU A 275 -15.83 -4.07 -11.10
CA GLU A 275 -16.88 -3.30 -10.44
C GLU A 275 -16.54 -1.81 -10.42
N GLY A 276 -15.28 -1.47 -10.14
CA GLY A 276 -14.86 -0.09 -10.20
C GLY A 276 -14.79 0.48 -11.60
N ALA A 277 -14.85 -0.36 -12.63
CA ALA A 277 -14.78 0.14 -14.00
C ALA A 277 -16.00 0.95 -14.38
N LYS A 278 -17.11 0.68 -13.69
CA LYS A 278 -18.41 1.32 -14.02
C LYS A 278 -18.41 2.80 -13.64
N CYS A 279 -17.35 3.28 -13.01
CA CYS A 279 -17.20 4.68 -12.65
C CYS A 279 -16.55 5.46 -13.80
N GLN A 287 -21.04 4.48 -6.95
CA GLN A 287 -20.17 5.02 -5.86
C GLN A 287 -20.99 5.21 -4.59
N LYS A 288 -22.04 6.02 -4.65
CA LYS A 288 -22.92 6.17 -3.47
C LYS A 288 -23.44 4.77 -3.13
N ARG A 289 -23.68 3.94 -4.15
CA ARG A 289 -24.13 2.55 -3.91
C ARG A 289 -23.08 1.83 -3.06
N TRP A 290 -21.80 2.00 -3.41
CA TRP A 290 -20.70 1.35 -2.66
C TRP A 290 -20.76 1.78 -1.20
N LYS A 291 -20.91 3.07 -0.95
CA LYS A 291 -20.89 3.58 0.45
C LYS A 291 -21.98 2.86 1.25
N GLU A 292 -23.15 2.67 0.64
CA GLU A 292 -24.28 2.02 1.35
C GLU A 292 -24.02 0.52 1.48
N LEU A 293 -23.62 -0.13 0.38
CA LEU A 293 -23.31 -1.58 0.41
C LEU A 293 -22.18 -1.83 1.40
N SER A 294 -21.25 -0.88 1.53
CA SER A 294 -20.10 -1.03 2.45
C SER A 294 -20.61 -1.02 3.88
N LYS A 295 -21.67 -0.27 4.14
CA LYS A 295 -22.21 -0.16 5.53
C LYS A 295 -21.14 0.46 6.42
N GLU A 296 -20.58 1.59 5.98
CA GLU A 296 -19.52 2.27 6.77
C GLU A 296 -20.14 3.06 7.91
N ASP A 297 -21.44 3.31 7.84
CA ASP A 297 -22.07 4.14 8.86
C ASP A 297 -22.82 3.28 9.88
#